data_1AC3
#
_entry.id   1AC3
#
_cell.length_a   1.000
_cell.length_b   1.000
_cell.length_c   1.000
_cell.angle_alpha   90.00
_cell.angle_beta   90.00
_cell.angle_gamma   90.00
#
_symmetry.space_group_name_H-M   'P 1'
#
loop_
_entity.id
_entity.type
_entity.pdbx_description
1 polymer 'ANTISENSE HYBRID DUPLEX'
2 polymer "DNA (5'-D(*(TCP)P*TP*GP*CP*GP*C)-3')"
#
loop_
_entity_poly.entity_id
_entity_poly.type
_entity_poly.pdbx_seq_one_letter_code
_entity_poly.pdbx_strand_id
1 'polydeoxyribonucleotide' (DC)(DG)(DC)(DG)(DT)(TSP)(TCP)(DT)(DG)(DC)(DG)(DC) A
2 'polyribonucleotide' GCGCAAAACGCG B
#